data_5DAL
#
_entry.id   5DAL
#
_cell.length_a   77.550
_cell.length_b   90.220
_cell.length_c   68.670
_cell.angle_alpha   90.000
_cell.angle_beta   98.010
_cell.angle_gamma   90.000
#
_symmetry.space_group_name_H-M   'C 1 2 1'
#
loop_
_entity.id
_entity.type
_entity.pdbx_description
1 polymer 'Glutathione S-transferase P'
2 polymer 'Glutathione S-transferase P'
3 non-polymer '2-(N-MORPHOLINO)-ETHANESULFONIC ACID'
4 non-polymer Di-glutathione-PhenylArsine
5 non-polymer GLUTATHIONE
6 non-polymer 'Phenylarsine oxide'
7 non-polymer 'SULFATE ION'
8 water water
#
loop_
_entity_poly.entity_id
_entity_poly.type
_entity_poly.pdbx_seq_one_letter_code
_entity_poly.pdbx_strand_id
1 'polypeptide(L)'
;MPPYTVVYFPVRGR(CSO)AALRMLLADQGQSWKEEVVTVETWQEGSLKASCLYGQLPKFQDGDLTLYQSNTILRHLGRT
LGLYGKDQQEAALVDMVNDGVEDLRCKYISLIYTNYEAGKDDYVKALPGQLKPFETLLSQNQGGKTFIVGDQISFADYNL
LDLLLIHEVLAPGCLDAFPLLSAYVGRLSARPKLKAFLASPEYVNLPINGNGKQ
;
A
2 'polypeptide(L)'
;MPPYTVVYFPVRGRCAALRMLLADQGQSWKEEVVTVETWQEGSLKASCLYGQLPKFQDGDLTLYQSNTILRHLGRTLGLY
GKDQQEAALVDMVNDGVEDLRCKYISLIYTNYEAGKDDYVKALPGQLKPFETLLSQNQGGKTFIVGDQISFADYNLLDLL
LIHEVLAPGCLDAFPLLSAYVGRLSARPKLKAFLASPEYVNLPINGNGKQ
;
B
#
# COMPACT_ATOMS: atom_id res chain seq x y z
N MET A 1 12.32 -18.29 23.01
CA MET A 1 10.97 -17.84 22.56
C MET A 1 11.18 -17.29 21.17
N PRO A 2 10.20 -17.49 20.26
CA PRO A 2 10.44 -16.98 18.90
C PRO A 2 10.51 -15.46 18.90
N PRO A 3 11.25 -14.86 17.95
CA PRO A 3 11.31 -13.41 17.97
C PRO A 3 10.13 -12.78 17.25
N TYR A 4 9.35 -13.57 16.53
CA TYR A 4 8.17 -13.08 15.81
C TYR A 4 6.88 -13.45 16.51
N THR A 5 5.98 -12.47 16.66
CA THR A 5 4.63 -12.70 17.16
C THR A 5 3.58 -12.05 16.26
N VAL A 6 2.56 -12.81 15.89
CA VAL A 6 1.45 -12.29 15.10
C VAL A 6 0.24 -12.16 16.01
N VAL A 7 -0.31 -10.94 16.08
CA VAL A 7 -1.48 -10.62 16.90
C VAL A 7 -2.62 -10.34 15.95
N TYR A 8 -3.62 -11.22 15.92
CA TYR A 8 -4.71 -11.09 14.97
C TYR A 8 -5.98 -11.80 15.44
N PHE A 9 -7.09 -11.45 14.81
CA PHE A 9 -8.34 -12.18 14.93
C PHE A 9 -8.15 -13.61 14.41
N PRO A 10 -9.06 -14.52 14.78
CA PRO A 10 -8.93 -15.91 14.35
C PRO A 10 -9.47 -16.11 12.93
N VAL A 11 -8.75 -15.51 11.99
CA VAL A 11 -9.09 -15.56 10.57
C VAL A 11 -7.79 -15.56 9.79
N ARG A 12 -7.86 -15.98 8.52
CA ARG A 12 -6.71 -15.90 7.64
C ARG A 12 -6.49 -14.43 7.27
N GLY A 13 -7.46 -13.86 6.56
CA GLY A 13 -7.51 -12.43 6.29
C GLY A 13 -6.19 -11.85 5.82
N ARG A 14 -5.80 -10.74 6.45
CA ARG A 14 -4.61 -10.00 6.04
C ARG A 14 -3.32 -10.54 6.65
N ALA A 16 -2.73 -14.05 6.12
CA ALA A 16 -2.50 -15.33 5.45
C ALA A 16 -1.16 -15.34 4.69
N ALA A 17 -0.90 -14.27 3.96
CA ALA A 17 0.31 -14.20 3.15
C ALA A 17 1.57 -14.17 4.01
N LEU A 18 1.59 -13.35 5.06
CA LEU A 18 2.79 -13.30 5.88
C LEU A 18 3.03 -14.60 6.64
N ARG A 19 1.96 -15.32 6.98
CA ARG A 19 2.12 -16.64 7.59
C ARG A 19 2.71 -17.64 6.60
N MET A 20 2.22 -17.62 5.37
CA MET A 20 2.76 -18.50 4.34
C MET A 20 4.24 -18.20 4.14
N LEU A 21 4.58 -16.91 4.16
CA LEU A 21 5.95 -16.52 3.97
C LEU A 21 6.84 -17.11 5.09
N LEU A 22 6.41 -16.93 6.33
CA LEU A 22 7.19 -17.36 7.48
C LEU A 22 7.33 -18.87 7.43
N ALA A 23 6.24 -19.57 7.16
CA ALA A 23 6.29 -21.03 7.11
C ALA A 23 7.21 -21.54 6.00
N ASP A 24 7.05 -20.98 4.80
CA ASP A 24 7.85 -21.41 3.68
C ASP A 24 9.32 -21.10 3.87
N GLN A 25 9.61 -20.07 4.66
CA GLN A 25 11.00 -19.69 4.93
C GLN A 25 11.55 -20.35 6.18
N GLY A 26 10.77 -21.23 6.78
CA GLY A 26 11.23 -21.99 7.94
C GLY A 26 11.49 -21.16 9.18
N GLN A 27 10.77 -20.07 9.31
CA GLN A 27 10.90 -19.19 10.45
C GLN A 27 9.90 -19.55 11.54
N SER A 28 10.34 -19.46 12.79
CA SER A 28 9.45 -19.69 13.90
C SER A 28 8.68 -18.43 14.27
N TRP A 29 7.43 -18.59 14.64
CA TRP A 29 6.68 -17.48 15.22
C TRP A 29 5.62 -17.92 16.21
N LYS A 30 5.12 -16.98 17.00
CA LYS A 30 3.99 -17.18 17.93
C LYS A 30 2.70 -16.52 17.44
N GLU A 31 1.58 -17.20 17.64
CA GLU A 31 0.27 -16.61 17.31
C GLU A 31 -0.42 -16.19 18.57
N GLU A 32 -0.80 -14.92 18.65
CA GLU A 32 -1.64 -14.41 19.73
C GLU A 32 -2.99 -14.04 19.19
N VAL A 33 -4.01 -14.75 19.66
CA VAL A 33 -5.33 -14.65 19.08
C VAL A 33 -6.16 -13.66 19.87
N VAL A 34 -6.85 -12.80 19.15
CA VAL A 34 -7.75 -11.79 19.71
C VAL A 34 -9.19 -12.12 19.32
N THR A 35 -10.04 -12.42 20.29
CA THR A 35 -11.43 -12.66 19.96
C THR A 35 -12.14 -11.33 19.71
N VAL A 36 -13.25 -11.39 18.97
CA VAL A 36 -14.05 -10.21 18.74
C VAL A 36 -14.60 -9.67 20.06
N GLU A 37 -14.83 -10.55 21.03
CA GLU A 37 -15.30 -10.11 22.36
C GLU A 37 -14.20 -9.33 23.10
N THR A 38 -12.97 -9.82 22.99
CA THR A 38 -11.84 -9.15 23.60
C THR A 38 -11.63 -7.79 22.95
N TRP A 39 -11.84 -7.73 21.64
CA TRP A 39 -11.62 -6.50 20.88
C TRP A 39 -12.62 -5.43 21.30
N GLN A 40 -13.84 -5.86 21.60
CA GLN A 40 -14.92 -4.95 21.97
C GLN A 40 -14.68 -4.27 23.31
N GLU A 41 -13.82 -4.86 24.14
CA GLU A 41 -13.47 -4.29 25.43
C GLU A 41 -12.70 -2.97 25.22
N GLY A 42 -12.03 -2.86 24.08
CA GLY A 42 -11.53 -1.58 23.59
C GLY A 42 -10.10 -1.19 23.94
N SER A 43 -9.50 -1.82 24.96
CA SER A 43 -8.18 -1.36 25.40
C SER A 43 -7.06 -1.73 24.42
N LEU A 44 -7.10 -2.93 23.85
CA LEU A 44 -6.07 -3.31 22.86
C LEU A 44 -6.19 -2.39 21.66
N LYS A 45 -7.41 -2.23 21.18
CA LYS A 45 -7.67 -1.38 20.02
C LYS A 45 -7.13 0.02 20.25
N ALA A 46 -7.38 0.56 21.45
CA ALA A 46 -6.93 1.91 21.76
C ALA A 46 -5.40 2.01 21.72
N SER A 47 -4.73 0.89 21.98
CA SER A 47 -3.27 0.83 21.98
C SER A 47 -2.64 0.61 20.61
N CYS A 48 -3.44 0.26 19.60
CA CYS A 48 -2.94 0.00 18.25
C CYS A 48 -2.81 1.33 17.52
N LEU A 49 -1.70 1.51 16.81
CA LEU A 49 -1.38 2.78 16.14
C LEU A 49 -2.57 3.36 15.36
N TYR A 50 -3.16 2.54 14.50
CA TYR A 50 -4.28 2.97 13.68
C TYR A 50 -5.58 2.27 14.12
N GLY A 51 -5.60 1.77 15.34
CA GLY A 51 -6.82 1.19 15.87
C GLY A 51 -7.22 -0.13 15.23
N GLN A 52 -6.28 -0.80 14.59
CA GLN A 52 -6.59 -2.03 13.90
C GLN A 52 -5.51 -3.11 14.03
N LEU A 53 -5.89 -4.33 13.68
CA LEU A 53 -4.96 -5.44 13.56
C LEU A 53 -4.85 -5.81 12.07
N PRO A 54 -3.76 -6.52 11.68
CA PRO A 54 -2.75 -7.13 12.54
C PRO A 54 -1.76 -6.19 13.21
N LYS A 55 -1.30 -6.69 14.35
CA LYS A 55 -0.10 -6.21 15.04
C LYS A 55 0.95 -7.31 14.96
N PHE A 56 2.21 -6.94 14.78
CA PHE A 56 3.29 -7.88 14.60
C PHE A 56 4.46 -7.40 15.40
N GLN A 57 5.12 -8.34 16.08
CA GLN A 57 6.25 -8.02 16.92
C GLN A 57 7.45 -8.76 16.36
N ASP A 58 8.54 -8.04 16.15
CA ASP A 58 9.84 -8.62 15.80
C ASP A 58 10.80 -8.14 16.89
N GLY A 59 11.02 -8.97 17.91
CA GLY A 59 11.65 -8.42 19.11
C GLY A 59 10.83 -7.27 19.64
N ASP A 60 11.47 -6.13 19.91
CA ASP A 60 10.78 -4.97 20.46
C ASP A 60 10.26 -4.02 19.40
N LEU A 61 10.36 -4.44 18.14
CA LEU A 61 9.80 -3.66 17.04
C LEU A 61 8.37 -4.07 16.88
N THR A 62 7.47 -3.11 17.03
CA THR A 62 6.05 -3.39 16.89
C THR A 62 5.56 -2.71 15.63
N LEU A 63 5.01 -3.53 14.73
CA LEU A 63 4.48 -3.07 13.46
C LEU A 63 3.00 -3.26 13.38
N TYR A 64 2.39 -2.34 12.66
CA TYR A 64 1.03 -2.47 12.24
C TYR A 64 1.14 -2.25 10.73
N GLN A 65 0.09 -2.69 10.06
CA GLN A 65 -0.08 -2.62 8.60
C GLN A 65 0.46 -3.91 7.95
N SER A 66 -0.46 -4.71 7.43
CA SER A 66 -0.08 -5.98 6.83
C SER A 66 1.02 -5.87 5.77
N ASN A 67 0.97 -4.86 4.90
CA ASN A 67 2.03 -4.72 3.91
C ASN A 67 3.35 -4.25 4.46
N THR A 68 3.32 -3.52 5.57
CA THR A 68 4.51 -3.13 6.26
C THR A 68 5.21 -4.39 6.78
N ILE A 69 4.43 -5.32 7.31
CA ILE A 69 4.97 -6.57 7.82
C ILE A 69 5.58 -7.37 6.67
N LEU A 70 4.86 -7.48 5.56
CA LEU A 70 5.40 -8.16 4.42
C LEU A 70 6.70 -7.57 3.94
N ARG A 71 6.75 -6.24 3.80
CA ARG A 71 7.97 -5.59 3.31
C ARG A 71 9.14 -5.76 4.29
N HIS A 72 8.83 -5.72 5.57
CA HIS A 72 9.83 -5.88 6.62
C HIS A 72 10.44 -7.27 6.55
N LEU A 73 9.62 -8.30 6.45
CA LEU A 73 10.10 -9.67 6.32
C LEU A 73 10.78 -9.85 4.98
N GLY A 74 10.25 -9.19 3.94
CA GLY A 74 10.94 -9.14 2.68
C GLY A 74 12.38 -8.62 2.75
N ARG A 75 12.61 -7.50 3.44
CA ARG A 75 13.96 -6.96 3.58
C ARG A 75 14.84 -7.87 4.42
N THR A 76 14.33 -8.30 5.57
CA THR A 76 15.16 -8.99 6.54
C THR A 76 15.42 -10.45 6.17
N LEU A 77 14.59 -11.04 5.33
CA LEU A 77 14.76 -12.43 4.95
C LEU A 77 15.19 -12.61 3.49
N GLY A 78 15.46 -11.49 2.81
CA GLY A 78 15.99 -11.52 1.46
C GLY A 78 14.98 -11.94 0.42
N LEU A 79 13.77 -11.38 0.52
CA LEU A 79 12.67 -11.67 -0.40
C LEU A 79 12.16 -10.40 -1.07
N TYR A 80 13.08 -9.58 -1.56
CA TYR A 80 12.73 -8.25 -2.05
C TYR A 80 13.55 -7.91 -3.28
N GLY A 81 13.78 -8.91 -4.13
CA GLY A 81 14.50 -8.71 -5.38
C GLY A 81 16.01 -8.75 -5.20
N LYS A 82 16.72 -8.86 -6.31
CA LYS A 82 18.19 -8.96 -6.28
C LYS A 82 18.90 -7.60 -6.31
N ASP A 83 18.19 -6.57 -6.75
CA ASP A 83 18.75 -5.22 -6.86
C ASP A 83 17.63 -4.18 -6.74
N GLN A 84 17.94 -2.90 -6.94
CA GLN A 84 16.95 -1.84 -6.71
C GLN A 84 15.84 -1.86 -7.73
N GLN A 85 16.18 -2.14 -8.98
CA GLN A 85 15.15 -2.25 -9.99
C GLN A 85 14.15 -3.37 -9.67
N GLU A 86 14.62 -4.56 -9.31
CA GLU A 86 13.71 -5.65 -8.97
C GLU A 86 12.86 -5.29 -7.76
N ALA A 87 13.44 -4.58 -6.79
CA ALA A 87 12.68 -4.21 -5.60
C ALA A 87 11.50 -3.31 -5.98
N ALA A 88 11.72 -2.38 -6.90
CA ALA A 88 10.60 -1.59 -7.40
C ALA A 88 9.51 -2.43 -8.10
N LEU A 89 9.94 -3.40 -8.90
CA LEU A 89 9.00 -4.30 -9.54
C LEU A 89 8.21 -5.12 -8.52
N VAL A 90 8.88 -5.59 -7.50
CA VAL A 90 8.23 -6.32 -6.42
C VAL A 90 7.18 -5.42 -5.76
N ASP A 91 7.54 -4.17 -5.49
CA ASP A 91 6.55 -3.22 -4.95
C ASP A 91 5.35 -3.03 -5.90
N MET A 92 5.64 -2.93 -7.20
CA MET A 92 4.59 -2.68 -8.18
C MET A 92 3.60 -3.83 -8.20
N VAL A 93 4.12 -5.04 -8.05
CA VAL A 93 3.28 -6.21 -7.96
C VAL A 93 2.46 -6.19 -6.68
N ASN A 94 3.13 -5.93 -5.55
CA ASN A 94 2.41 -5.99 -4.31
C ASN A 94 1.34 -4.93 -4.21
N ASP A 95 1.60 -3.76 -4.77
CA ASP A 95 0.61 -2.69 -4.78
C ASP A 95 -0.59 -3.07 -5.64
N GLY A 96 -0.33 -3.78 -6.72
CA GLY A 96 -1.45 -4.30 -7.53
C GLY A 96 -2.29 -5.36 -6.81
N VAL A 97 -1.62 -6.25 -6.11
CA VAL A 97 -2.29 -7.25 -5.29
C VAL A 97 -3.17 -6.57 -4.27
N GLU A 98 -2.65 -5.55 -3.61
N GLU A 98 -2.59 -5.59 -3.58
CA GLU A 98 -3.40 -4.90 -2.57
CA GLU A 98 -3.31 -4.85 -2.56
C GLU A 98 -4.59 -4.08 -3.09
C GLU A 98 -4.59 -4.20 -3.14
N ASP A 99 -4.48 -3.54 -4.29
CA ASP A 99 -5.64 -2.92 -4.92
C ASP A 99 -6.77 -3.94 -5.09
N LEU A 100 -6.45 -5.13 -5.58
CA LEU A 100 -7.47 -6.15 -5.81
C LEU A 100 -7.97 -6.71 -4.47
N ARG A 101 -7.05 -6.90 -3.53
CA ARG A 101 -7.45 -7.33 -2.20
C ARG A 101 -8.47 -6.38 -1.59
N CYS A 102 -8.28 -5.09 -1.80
CA CYS A 102 -9.17 -4.08 -1.25
C CYS A 102 -10.55 -4.25 -1.85
N LYS A 103 -10.59 -4.46 -3.16
CA LYS A 103 -11.85 -4.68 -3.85
C LYS A 103 -12.54 -5.94 -3.32
N TYR A 104 -11.74 -6.97 -3.07
CA TYR A 104 -12.26 -8.22 -2.52
C TYR A 104 -12.85 -8.00 -1.11
N ILE A 105 -12.12 -7.30 -0.24
CA ILE A 105 -12.56 -6.99 1.11
C ILE A 105 -13.86 -6.19 1.10
N SER A 106 -13.95 -5.21 0.22
CA SER A 106 -15.18 -4.44 0.09
C SER A 106 -16.34 -5.33 -0.31
N LEU A 107 -16.11 -6.25 -1.25
CA LEU A 107 -17.16 -7.18 -1.66
C LEU A 107 -17.62 -8.03 -0.49
N ILE A 108 -16.66 -8.68 0.15
CA ILE A 108 -16.97 -9.62 1.22
C ILE A 108 -17.75 -9.01 2.36
N TYR A 109 -17.33 -7.84 2.82
CA TYR A 109 -17.86 -7.29 4.07
C TYR A 109 -18.99 -6.27 3.88
N THR A 110 -19.13 -5.71 2.69
CA THR A 110 -20.11 -4.64 2.47
C THR A 110 -21.13 -4.86 1.35
N ASN A 111 -20.93 -5.85 0.48
CA ASN A 111 -21.79 -5.96 -0.69
C ASN A 111 -21.79 -7.32 -1.34
N TYR A 112 -21.67 -8.38 -0.55
CA TYR A 112 -21.47 -9.72 -1.10
C TYR A 112 -22.65 -10.13 -1.98
N GLU A 113 -23.84 -10.08 -1.41
CA GLU A 113 -25.04 -10.58 -2.08
C GLU A 113 -25.31 -9.83 -3.38
N ALA A 114 -25.29 -8.50 -3.31
CA ALA A 114 -25.63 -7.67 -4.47
C ALA A 114 -24.47 -7.51 -5.46
N GLY A 115 -23.24 -7.62 -4.95
CA GLY A 115 -22.07 -7.27 -5.74
C GLY A 115 -21.37 -8.41 -6.45
N LYS A 116 -21.63 -9.64 -6.04
CA LYS A 116 -20.78 -10.76 -6.45
C LYS A 116 -20.81 -11.01 -7.95
N ASP A 117 -21.98 -10.95 -8.56
CA ASP A 117 -22.10 -11.20 -9.99
C ASP A 117 -21.19 -10.26 -10.79
N ASP A 118 -21.31 -8.96 -10.52
CA ASP A 118 -20.50 -7.94 -11.18
C ASP A 118 -19.01 -8.22 -10.93
N TYR A 119 -18.67 -8.51 -9.69
CA TYR A 119 -17.27 -8.69 -9.32
C TYR A 119 -16.62 -9.82 -10.10
N VAL A 120 -17.28 -10.97 -10.15
CA VAL A 120 -16.73 -12.12 -10.84
C VAL A 120 -16.65 -11.83 -12.36
N LYS A 121 -17.59 -11.07 -12.90
CA LYS A 121 -17.54 -10.69 -14.32
C LYS A 121 -16.31 -9.83 -14.60
N ALA A 122 -15.99 -8.92 -13.68
CA ALA A 122 -14.83 -8.03 -13.80
C ALA A 122 -13.48 -8.72 -13.51
N LEU A 123 -13.55 -9.86 -12.84
CA LEU A 123 -12.36 -10.49 -12.28
C LEU A 123 -11.28 -10.83 -13.31
N PRO A 124 -11.66 -11.34 -14.48
CA PRO A 124 -10.59 -11.64 -15.43
C PRO A 124 -9.76 -10.40 -15.82
N GLY A 125 -10.41 -9.24 -15.97
CA GLY A 125 -9.72 -8.01 -16.25
C GLY A 125 -8.77 -7.60 -15.13
N GLN A 126 -9.12 -7.98 -13.90
CA GLN A 126 -8.29 -7.66 -12.72
C GLN A 126 -7.12 -8.65 -12.51
N LEU A 127 -7.29 -9.89 -12.95
CA LEU A 127 -6.21 -10.90 -12.89
C LEU A 127 -5.22 -10.80 -14.04
N LYS A 128 -5.70 -10.35 -15.20
CA LYS A 128 -4.86 -10.32 -16.40
C LYS A 128 -3.47 -9.68 -16.23
N PRO A 129 -3.36 -8.58 -15.46
CA PRO A 129 -2.05 -7.95 -15.31
C PRO A 129 -1.00 -8.90 -14.72
N PHE A 130 -1.42 -9.79 -13.81
CA PHE A 130 -0.49 -10.72 -13.20
C PHE A 130 -0.07 -11.83 -14.16
N GLU A 131 -1.00 -12.23 -15.02
CA GLU A 131 -0.70 -13.17 -16.08
C GLU A 131 0.30 -12.52 -17.05
N THR A 132 0.10 -11.24 -17.33
CA THR A 132 1.01 -10.48 -18.22
C THR A 132 2.41 -10.43 -17.62
N LEU A 133 2.50 -10.10 -16.33
CA LEU A 133 3.78 -10.12 -15.66
C LEU A 133 4.49 -11.47 -15.70
N LEU A 134 3.76 -12.54 -15.45
CA LEU A 134 4.32 -13.87 -15.55
C LEU A 134 4.84 -14.12 -16.95
N SER A 135 4.06 -13.73 -17.95
CA SER A 135 4.42 -14.06 -19.34
C SER A 135 5.70 -13.34 -19.77
N GLN A 136 6.01 -12.23 -19.09
CA GLN A 136 7.19 -11.42 -19.41
C GLN A 136 8.41 -11.74 -18.54
N ASN A 137 8.26 -12.71 -17.63
CA ASN A 137 9.37 -13.16 -16.79
C ASN A 137 9.65 -14.64 -16.94
N GLN A 138 10.61 -15.00 -17.80
CA GLN A 138 11.01 -16.39 -17.98
C GLN A 138 9.82 -17.29 -18.35
N GLY A 139 8.94 -16.76 -19.19
CA GLY A 139 7.75 -17.48 -19.61
C GLY A 139 6.82 -17.96 -18.51
N GLY A 140 6.86 -17.30 -17.35
CA GLY A 140 5.96 -17.67 -16.27
C GLY A 140 6.40 -18.86 -15.43
N LYS A 141 7.63 -19.30 -15.63
CA LYS A 141 8.10 -20.54 -15.06
C LYS A 141 8.71 -20.44 -13.68
N THR A 142 8.96 -19.22 -13.21
CA THR A 142 9.63 -19.04 -11.93
C THR A 142 8.75 -18.25 -10.97
N PHE A 143 9.03 -16.97 -10.82
CA PHE A 143 8.30 -16.16 -9.84
C PHE A 143 7.71 -14.92 -10.48
N ILE A 144 7.00 -14.11 -9.70
CA ILE A 144 6.32 -12.96 -10.28
C ILE A 144 7.32 -11.86 -10.70
N VAL A 145 8.41 -11.74 -9.94
CA VAL A 145 9.56 -10.89 -10.31
C VAL A 145 10.86 -11.67 -10.17
N GLY A 146 11.67 -11.64 -11.22
CA GLY A 146 13.01 -12.20 -11.14
C GLY A 146 12.98 -13.70 -11.02
N ASP A 147 14.09 -14.26 -10.56
CA ASP A 147 14.23 -15.69 -10.47
C ASP A 147 14.31 -16.20 -9.05
N GLN A 148 13.92 -15.35 -8.09
CA GLN A 148 13.86 -15.74 -6.69
C GLN A 148 12.50 -15.28 -6.14
N ILE A 149 11.99 -16.03 -5.17
CA ILE A 149 10.71 -15.71 -4.55
C ILE A 149 10.80 -14.39 -3.79
N SER A 150 9.70 -13.64 -3.78
CA SER A 150 9.62 -12.38 -3.05
C SER A 150 8.37 -12.35 -2.19
N PHE A 151 8.28 -11.36 -1.32
CA PHE A 151 7.08 -11.25 -0.51
C PHE A 151 5.84 -11.06 -1.39
N ALA A 152 6.01 -10.46 -2.56
CA ALA A 152 4.89 -10.27 -3.46
C ALA A 152 4.34 -11.63 -3.96
N ASP A 153 5.20 -12.62 -4.13
CA ASP A 153 4.70 -13.94 -4.50
C ASP A 153 3.75 -14.50 -3.43
N TYR A 154 4.10 -14.38 -2.16
CA TYR A 154 3.21 -14.93 -1.14
C TYR A 154 1.88 -14.20 -1.10
N ASN A 155 1.92 -12.87 -1.27
CA ASN A 155 0.68 -12.08 -1.26
C ASN A 155 -0.17 -12.41 -2.49
N LEU A 156 0.44 -12.45 -3.67
CA LEU A 156 -0.28 -12.83 -4.88
C LEU A 156 -0.83 -14.24 -4.76
N LEU A 157 -0.04 -15.17 -4.27
CA LEU A 157 -0.52 -16.53 -4.08
C LEU A 157 -1.77 -16.55 -3.21
N ASP A 158 -1.74 -15.89 -2.07
CA ASP A 158 -2.95 -15.81 -1.24
C ASP A 158 -4.12 -15.18 -2.00
N LEU A 159 -3.89 -14.11 -2.73
CA LEU A 159 -4.96 -13.44 -3.47
C LEU A 159 -5.59 -14.43 -4.44
N LEU A 160 -4.74 -15.23 -5.07
CA LEU A 160 -5.24 -16.17 -6.08
C LEU A 160 -6.02 -17.31 -5.41
N LEU A 161 -5.53 -17.78 -4.29
CA LEU A 161 -6.19 -18.87 -3.57
C LEU A 161 -7.59 -18.47 -3.12
N ILE A 162 -7.73 -17.25 -2.59
CA ILE A 162 -9.03 -16.84 -2.07
C ILE A 162 -10.00 -16.57 -3.22
N HIS A 163 -9.48 -16.17 -4.38
CA HIS A 163 -10.35 -15.97 -5.55
C HIS A 163 -10.82 -17.27 -6.18
N GLU A 164 -10.00 -18.31 -6.11
CA GLU A 164 -10.46 -19.62 -6.53
C GLU A 164 -11.63 -20.08 -5.67
N VAL A 165 -11.62 -19.74 -4.39
CA VAL A 165 -12.76 -20.07 -3.52
C VAL A 165 -13.98 -19.21 -3.89
N LEU A 166 -13.78 -17.93 -4.18
CA LEU A 166 -14.88 -17.03 -4.53
C LEU A 166 -15.51 -17.37 -5.88
N ALA A 167 -14.65 -17.70 -6.83
CA ALA A 167 -15.03 -17.91 -8.23
C ALA A 167 -14.26 -19.10 -8.73
N PRO A 168 -14.71 -20.31 -8.37
CA PRO A 168 -13.96 -21.50 -8.77
C PRO A 168 -13.80 -21.57 -10.28
N GLY A 169 -12.60 -21.93 -10.74
CA GLY A 169 -12.32 -21.97 -12.16
C GLY A 169 -11.87 -20.64 -12.73
N CYS A 170 -11.70 -19.62 -11.89
CA CYS A 170 -11.32 -18.31 -12.39
C CYS A 170 -9.92 -18.30 -13.02
N LEU A 171 -9.07 -19.24 -12.65
CA LEU A 171 -7.73 -19.30 -13.23
C LEU A 171 -7.66 -20.16 -14.49
N ASP A 172 -8.78 -20.75 -14.88
CA ASP A 172 -8.79 -21.58 -16.08
C ASP A 172 -8.48 -20.73 -17.30
N ALA A 173 -8.78 -19.43 -17.23
CA ALA A 173 -8.49 -18.50 -18.29
C ALA A 173 -7.03 -18.05 -18.32
N PHE A 174 -6.28 -18.40 -17.28
CA PHE A 174 -4.94 -17.88 -17.09
C PHE A 174 -3.97 -19.03 -16.84
N PRO A 175 -3.40 -19.61 -17.91
CA PRO A 175 -2.58 -20.81 -17.72
C PRO A 175 -1.32 -20.59 -16.86
N LEU A 176 -0.69 -19.42 -16.98
CA LEU A 176 0.54 -19.16 -16.25
C LEU A 176 0.23 -18.97 -14.76
N LEU A 177 -0.83 -18.22 -14.46
CA LEU A 177 -1.22 -18.07 -13.04
C LEU A 177 -1.61 -19.42 -12.45
N SER A 178 -2.31 -20.22 -13.25
CA SER A 178 -2.75 -21.53 -12.80
CA SER A 178 -2.74 -21.53 -12.80
C SER A 178 -1.56 -22.42 -12.43
N ALA A 179 -0.57 -22.51 -13.32
CA ALA A 179 0.59 -23.34 -13.08
C ALA A 179 1.41 -22.80 -11.91
N TYR A 180 1.41 -21.48 -11.80
CA TYR A 180 2.14 -20.78 -10.73
C TYR A 180 1.56 -21.11 -9.37
N VAL A 181 0.26 -21.06 -9.24
CA VAL A 181 -0.38 -21.48 -8.00
C VAL A 181 0.01 -22.91 -7.64
N GLY A 182 -0.08 -23.82 -8.60
CA GLY A 182 0.27 -25.20 -8.32
C GLY A 182 1.71 -25.34 -7.91
N ARG A 183 2.58 -24.60 -8.58
CA ARG A 183 4.02 -24.72 -8.35
C ARG A 183 4.41 -24.19 -6.95
N LEU A 184 3.99 -22.96 -6.66
CA LEU A 184 4.31 -22.43 -5.35
C LEU A 184 3.67 -23.22 -4.21
N SER A 185 2.43 -23.66 -4.42
CA SER A 185 1.69 -24.44 -3.41
C SER A 185 2.35 -25.77 -3.11
N ALA A 186 3.20 -26.24 -4.03
CA ALA A 186 3.88 -27.53 -3.89
C ALA A 186 5.23 -27.41 -3.22
N ARG A 187 5.71 -26.19 -3.01
CA ARG A 187 6.93 -26.01 -2.26
C ARG A 187 6.78 -26.73 -0.91
N PRO A 188 7.73 -27.60 -0.56
CA PRO A 188 7.46 -28.51 0.56
C PRO A 188 6.99 -27.87 1.86
N LYS A 189 7.69 -26.84 2.33
CA LYS A 189 7.32 -26.27 3.63
C LYS A 189 5.95 -25.59 3.53
N LEU A 190 5.70 -24.94 2.41
CA LEU A 190 4.44 -24.28 2.20
C LEU A 190 3.29 -25.27 2.05
N LYS A 191 3.55 -26.34 1.32
CA LYS A 191 2.55 -27.37 1.14
C LYS A 191 2.10 -27.94 2.47
N ALA A 192 3.06 -28.21 3.33
CA ALA A 192 2.76 -28.74 4.67
C ALA A 192 1.93 -27.73 5.46
N PHE A 193 2.30 -26.45 5.37
CA PHE A 193 1.61 -25.44 6.12
C PHE A 193 0.16 -25.31 5.64
N LEU A 194 -0.03 -25.26 4.32
CA LEU A 194 -1.36 -25.11 3.75
C LEU A 194 -2.32 -26.27 4.09
N ALA A 195 -1.75 -27.44 4.37
CA ALA A 195 -2.55 -28.62 4.69
C ALA A 195 -2.78 -28.76 6.20
N SER A 196 -2.15 -27.88 6.99
CA SER A 196 -2.11 -28.07 8.44
C SER A 196 -3.33 -27.43 9.09
N PRO A 197 -3.72 -27.91 10.28
CA PRO A 197 -4.91 -27.33 10.90
C PRO A 197 -4.78 -25.86 11.22
N GLU A 198 -3.56 -25.44 11.50
CA GLU A 198 -3.26 -24.05 11.77
C GLU A 198 -3.78 -23.11 10.66
N TYR A 199 -3.77 -23.62 9.43
CA TYR A 199 -4.24 -22.84 8.29
C TYR A 199 -5.66 -23.25 7.92
N VAL A 200 -5.90 -24.54 7.74
CA VAL A 200 -7.19 -25.01 7.26
C VAL A 200 -8.35 -24.68 8.18
N ASN A 201 -8.12 -24.70 9.51
CA ASN A 201 -9.23 -24.51 10.43
C ASN A 201 -9.56 -23.07 10.78
N LEU A 202 -8.90 -22.11 10.12
CA LEU A 202 -9.31 -20.71 10.19
C LEU A 202 -10.15 -20.36 8.98
N PRO A 203 -11.21 -19.58 9.14
CA PRO A 203 -11.96 -19.13 7.98
C PRO A 203 -11.17 -18.04 7.24
N ILE A 204 -11.47 -17.83 5.98
CA ILE A 204 -10.75 -16.84 5.20
C ILE A 204 -11.05 -15.45 5.75
N ASN A 205 -12.33 -15.17 6.01
CA ASN A 205 -12.79 -13.87 6.45
C ASN A 205 -13.52 -13.94 7.78
N GLY A 206 -13.83 -12.79 8.36
CA GLY A 206 -14.43 -12.76 9.69
C GLY A 206 -15.95 -12.81 9.76
N ASN A 207 -16.62 -12.95 8.62
CA ASN A 207 -18.08 -12.87 8.58
C ASN A 207 -18.75 -14.09 7.95
N GLY A 208 -17.96 -15.15 7.74
CA GLY A 208 -18.49 -16.38 7.18
C GLY A 208 -18.66 -16.41 5.68
N LYS A 209 -18.31 -15.32 5.00
CA LYS A 209 -18.44 -15.25 3.55
C LYS A 209 -17.11 -15.55 2.89
N GLN A 210 -17.14 -16.11 1.69
CA GLN A 210 -15.93 -16.41 0.94
C GLN A 210 -16.29 -16.70 -0.51
N PRO B 2 17.73 8.36 -13.32
CA PRO B 2 17.14 9.39 -14.19
C PRO B 2 17.43 9.09 -15.66
N PRO B 3 16.87 9.87 -16.59
CA PRO B 3 15.99 11.03 -16.34
C PRO B 3 14.62 10.59 -15.89
N TYR B 4 13.87 11.47 -15.22
CA TYR B 4 12.54 11.13 -14.74
C TYR B 4 11.41 11.74 -15.57
N THR B 5 10.38 10.93 -15.78
CA THR B 5 9.14 11.37 -16.42
C THR B 5 7.92 10.97 -15.61
N VAL B 6 7.06 11.94 -15.33
CA VAL B 6 5.76 11.69 -14.68
C VAL B 6 4.65 11.78 -15.73
N VAL B 7 3.89 10.71 -15.88
CA VAL B 7 2.73 10.70 -16.79
C VAL B 7 1.44 10.67 -15.97
N TYR B 8 0.64 11.73 -16.10
CA TYR B 8 -0.56 11.86 -15.26
C TYR B 8 -1.54 12.89 -15.81
N PHE B 9 -2.73 12.85 -15.24
CA PHE B 9 -3.75 13.87 -15.50
C PHE B 9 -3.33 15.22 -14.91
N PRO B 10 -3.91 16.32 -15.42
CA PRO B 10 -3.54 17.63 -14.89
C PRO B 10 -4.20 17.95 -13.54
N VAL B 11 -3.81 17.17 -12.53
CA VAL B 11 -4.25 17.36 -11.16
C VAL B 11 -3.06 17.02 -10.26
N ARG B 12 -3.17 17.46 -9.01
CA ARG B 12 -2.19 17.12 -7.98
C ARG B 12 -2.35 15.63 -7.63
N GLY B 13 -3.50 15.28 -7.05
CA GLY B 13 -3.85 13.89 -6.79
C GLY B 13 -2.72 13.03 -6.22
N ARG B 14 -2.55 11.87 -6.85
CA ARG B 14 -1.57 10.89 -6.39
C ARG B 14 -0.14 11.15 -6.84
N CYS B 15 0.09 12.27 -7.55
CA CYS B 15 1.45 12.67 -7.91
C CYS B 15 1.99 13.82 -7.07
N ALA B 16 1.13 14.38 -6.22
CA ALA B 16 1.49 15.56 -5.44
C ALA B 16 2.72 15.28 -4.54
N ALA B 17 2.67 14.17 -3.82
CA ALA B 17 3.77 13.85 -2.92
C ALA B 17 5.07 13.57 -3.65
N LEU B 18 5.01 12.77 -4.70
CA LEU B 18 6.25 12.42 -5.40
C LEU B 18 6.85 13.67 -6.13
N ARG B 19 5.99 14.60 -6.54
CA ARG B 19 6.49 15.86 -7.09
C ARG B 19 7.19 16.71 -6.02
N MET B 20 6.59 16.81 -4.84
CA MET B 20 7.22 17.52 -3.74
C MET B 20 8.57 16.91 -3.45
N LEU B 21 8.62 15.58 -3.43
CA LEU B 21 9.85 14.86 -3.20
C LEU B 21 10.91 15.25 -4.24
N LEU B 22 10.57 15.13 -5.52
CA LEU B 22 11.50 15.45 -6.60
C LEU B 22 11.99 16.89 -6.49
N ALA B 23 11.08 17.83 -6.24
CA ALA B 23 11.47 19.24 -6.17
C ALA B 23 12.40 19.49 -4.98
N ASP B 24 12.02 18.98 -3.80
CA ASP B 24 12.80 19.22 -2.60
C ASP B 24 14.18 18.59 -2.67
N GLN B 25 14.29 17.49 -3.42
CA GLN B 25 15.55 16.78 -3.58
C GLN B 25 16.37 17.31 -4.74
N GLY B 26 15.89 18.38 -5.36
CA GLY B 26 16.66 19.02 -6.42
C GLY B 26 16.76 18.21 -7.71
N GLN B 27 15.80 17.32 -7.93
CA GLN B 27 15.80 16.50 -9.11
C GLN B 27 15.06 17.21 -10.23
N SER B 28 15.43 16.90 -11.47
CA SER B 28 14.72 17.38 -12.65
C SER B 28 13.77 16.31 -13.14
N TRP B 29 12.62 16.72 -13.66
CA TRP B 29 11.73 15.77 -14.29
C TRP B 29 10.87 16.39 -15.37
N LYS B 30 10.32 15.51 -16.20
CA LYS B 30 9.42 15.89 -17.26
C LYS B 30 8.01 15.50 -16.85
N GLU B 31 7.09 16.44 -16.98
CA GLU B 31 5.67 16.16 -16.90
C GLU B 31 5.09 15.90 -18.27
N GLU B 32 4.54 14.70 -18.42
CA GLU B 32 3.70 14.38 -19.57
C GLU B 32 2.24 14.40 -19.17
N VAL B 33 1.55 15.48 -19.52
CA VAL B 33 0.17 15.67 -19.13
C VAL B 33 -0.74 14.90 -20.08
N VAL B 34 -1.60 14.08 -19.49
CA VAL B 34 -2.62 13.37 -20.23
C VAL B 34 -3.98 13.95 -19.87
N THR B 35 -4.67 14.49 -20.88
CA THR B 35 -6.01 15.01 -20.65
C THR B 35 -7.00 13.86 -20.61
N VAL B 36 -8.11 14.07 -19.90
CA VAL B 36 -9.15 13.07 -19.81
C VAL B 36 -9.65 12.71 -21.22
N GLU B 37 -9.66 13.68 -22.12
CA GLU B 37 -10.09 13.42 -23.51
C GLU B 37 -9.16 12.42 -24.21
N THR B 38 -7.85 12.66 -24.09
CA THR B 38 -6.84 11.74 -24.61
C THR B 38 -6.95 10.36 -23.95
N TRP B 39 -7.23 10.35 -22.65
CA TRP B 39 -7.37 9.11 -21.92
C TRP B 39 -8.51 8.27 -22.46
N GLN B 40 -9.59 8.94 -22.83
CA GLN B 40 -10.78 8.26 -23.31
C GLN B 40 -10.57 7.63 -24.68
N GLU B 41 -9.54 8.06 -25.40
CA GLU B 41 -9.17 7.40 -26.66
C GLU B 41 -8.89 5.92 -26.40
N GLY B 42 -8.13 5.61 -25.36
CA GLY B 42 -8.03 4.26 -24.85
C GLY B 42 -6.70 3.56 -25.00
N SER B 43 -5.87 4.00 -25.94
CA SER B 43 -4.61 3.31 -26.23
C SER B 43 -3.60 3.37 -25.06
N LEU B 44 -3.43 4.55 -24.48
CA LEU B 44 -2.49 4.70 -23.36
C LEU B 44 -2.95 3.81 -22.22
N LYS B 45 -4.23 3.94 -21.87
CA LYS B 45 -4.82 3.13 -20.82
C LYS B 45 -4.54 1.64 -21.00
N ALA B 46 -4.70 1.14 -22.21
CA ALA B 46 -4.52 -0.29 -22.45
C ALA B 46 -3.07 -0.73 -22.26
N SER B 47 -2.14 0.22 -22.42
CA SER B 47 -0.73 -0.06 -22.32
C SER B 47 -0.26 -0.04 -20.86
N CYS B 48 -1.07 0.53 -19.99
CA CYS B 48 -0.71 0.67 -18.57
C CYS B 48 -0.98 -0.62 -17.83
N LEU B 49 -0.03 -1.04 -16.98
CA LEU B 49 -0.12 -2.34 -16.34
C LEU B 49 -1.46 -2.63 -15.68
N TYR B 50 -1.96 -1.68 -14.88
CA TYR B 50 -3.23 -1.83 -14.20
C TYR B 50 -4.26 -0.87 -14.78
N GLY B 51 -4.03 -0.42 -16.01
CA GLY B 51 -4.94 0.47 -16.69
C GLY B 51 -5.11 1.83 -16.04
N GLN B 52 -4.11 2.26 -15.28
CA GLN B 52 -4.19 3.53 -14.56
C GLN B 52 -2.90 4.34 -14.58
N LEU B 53 -3.06 5.62 -14.27
CA LEU B 53 -1.96 6.55 -14.02
C LEU B 53 -1.90 6.88 -12.52
N PRO B 54 -0.73 7.31 -12.01
CA PRO B 54 0.49 7.64 -12.74
C PRO B 54 1.29 6.50 -13.32
N LYS B 55 1.98 6.84 -14.40
CA LYS B 55 3.02 6.05 -14.99
C LYS B 55 4.30 6.85 -14.77
N PHE B 56 5.40 6.16 -14.47
CA PHE B 56 6.65 6.85 -14.17
C PHE B 56 7.81 6.21 -14.91
N GLN B 57 8.68 7.03 -15.49
CA GLN B 57 9.86 6.52 -16.15
C GLN B 57 11.11 7.01 -15.46
N ASP B 58 11.99 6.06 -15.21
CA ASP B 58 13.31 6.32 -14.64
C ASP B 58 14.26 5.61 -15.60
N GLY B 59 14.74 6.34 -16.59
CA GLY B 59 15.50 5.73 -17.67
C GLY B 59 14.69 4.65 -18.34
N ASP B 60 15.24 3.44 -18.41
CA ASP B 60 14.56 2.33 -19.08
C ASP B 60 13.57 1.59 -18.16
N LEU B 61 13.43 2.08 -16.93
CA LEU B 61 12.51 1.49 -15.97
C LEU B 61 11.18 2.23 -16.03
N THR B 62 10.13 1.46 -16.23
CA THR B 62 8.77 1.99 -16.26
C THR B 62 8.01 1.42 -15.08
N LEU B 63 7.48 2.33 -14.26
CA LEU B 63 6.73 1.97 -13.06
C LEU B 63 5.32 2.50 -13.13
N TYR B 64 4.45 1.80 -12.44
CA TYR B 64 3.11 2.20 -12.14
C TYR B 64 2.97 2.04 -10.62
N GLN B 65 1.90 2.64 -10.11
CA GLN B 65 1.51 2.66 -8.69
C GLN B 65 2.24 3.79 -7.94
N SER B 66 1.47 4.80 -7.52
CA SER B 66 2.02 5.95 -6.84
C SER B 66 2.97 5.62 -5.67
N ASN B 67 2.59 4.66 -4.83
CA ASN B 67 3.46 4.30 -3.69
C ASN B 67 4.67 3.50 -4.13
N THR B 68 4.56 2.77 -5.23
CA THR B 68 5.75 2.14 -5.81
C THR B 68 6.79 3.19 -6.22
N ILE B 69 6.33 4.25 -6.88
CA ILE B 69 7.18 5.33 -7.31
C ILE B 69 7.80 6.01 -6.09
N LEU B 70 7.00 6.31 -5.07
CA LEU B 70 7.57 6.89 -3.84
C LEU B 70 8.67 5.99 -3.23
N ARG B 71 8.39 4.71 -3.10
CA ARG B 71 9.35 3.81 -2.50
C ARG B 71 10.62 3.71 -3.36
N HIS B 72 10.46 3.72 -4.69
CA HIS B 72 11.60 3.61 -5.58
C HIS B 72 12.51 4.83 -5.43
N LEU B 73 11.90 6.00 -5.41
CA LEU B 73 12.63 7.24 -5.21
C LEU B 73 13.24 7.22 -3.81
N GLY B 74 12.50 6.72 -2.83
CA GLY B 74 13.04 6.62 -1.48
C GLY B 74 14.27 5.74 -1.43
N ARG B 75 14.18 4.60 -2.07
CA ARG B 75 15.28 3.64 -2.10
C ARG B 75 16.51 4.22 -2.83
N THR B 76 16.30 4.83 -3.99
CA THR B 76 17.42 5.23 -4.83
C THR B 76 18.03 6.58 -4.37
N LEU B 77 17.25 7.42 -3.69
CA LEU B 77 17.72 8.73 -3.25
C LEU B 77 18.09 8.78 -1.75
N GLY B 78 17.93 7.66 -1.05
CA GLY B 78 18.29 7.59 0.35
C GLY B 78 17.30 8.27 1.27
N LEU B 79 16.02 8.08 1.00
CA LEU B 79 14.93 8.67 1.77
C LEU B 79 14.05 7.55 2.33
N TYR B 80 14.69 6.58 2.97
CA TYR B 80 14.01 5.36 3.41
C TYR B 80 14.53 4.90 4.76
N GLY B 81 14.88 5.86 5.61
CA GLY B 81 15.41 5.53 6.93
C GLY B 81 16.86 5.12 6.88
N LYS B 82 17.43 5.02 8.08
CA LYS B 82 18.87 4.77 8.19
C LYS B 82 19.20 3.29 8.17
N ASP B 83 18.20 2.45 8.41
CA ASP B 83 18.44 1.03 8.56
C ASP B 83 17.12 0.30 8.39
N GLN B 84 17.14 -1.02 8.47
CA GLN B 84 15.92 -1.78 8.27
C GLN B 84 14.83 -1.45 9.28
N GLN B 85 15.21 -1.24 10.54
CA GLN B 85 14.20 -0.93 11.50
C GLN B 85 13.47 0.36 11.10
N GLU B 86 14.23 1.40 10.77
CA GLU B 86 13.61 2.66 10.35
C GLU B 86 12.81 2.50 9.06
N ALA B 87 13.31 1.71 8.14
CA ALA B 87 12.57 1.45 6.87
C ALA B 87 11.19 0.88 7.16
N ALA B 88 11.11 -0.04 8.11
CA ALA B 88 9.81 -0.57 8.50
C ALA B 88 8.89 0.50 9.05
N LEU B 89 9.43 1.37 9.90
CA LEU B 89 8.65 2.47 10.42
C LEU B 89 8.19 3.45 9.33
N VAL B 90 9.06 3.71 8.38
CA VAL B 90 8.69 4.55 7.24
C VAL B 90 7.51 3.91 6.50
N ASP B 91 7.59 2.60 6.26
CA ASP B 91 6.50 1.91 5.59
C ASP B 91 5.20 2.00 6.38
N MET B 92 5.32 1.85 7.70
CA MET B 92 4.16 1.85 8.56
C MET B 92 3.44 3.21 8.49
N VAL B 93 4.23 4.29 8.49
CA VAL B 93 3.67 5.63 8.29
C VAL B 93 3.03 5.78 6.91
N ASN B 94 3.74 5.38 5.89
CA ASN B 94 3.23 5.53 4.54
C ASN B 94 1.93 4.75 4.37
N ASP B 95 1.88 3.54 4.92
CA ASP B 95 0.67 2.74 4.74
C ASP B 95 -0.49 3.39 5.50
N GLY B 96 -0.20 4.02 6.63
CA GLY B 96 -1.23 4.78 7.33
C GLY B 96 -1.72 6.02 6.59
N VAL B 97 -0.79 6.70 5.96
CA VAL B 97 -1.13 7.84 5.10
C VAL B 97 -2.02 7.38 3.96
N GLU B 98 -1.66 6.25 3.34
CA GLU B 98 -2.41 5.74 2.24
C GLU B 98 -3.82 5.32 2.65
N ASP B 99 -3.98 4.74 3.85
CA ASP B 99 -5.31 4.36 4.29
C ASP B 99 -6.21 5.60 4.39
N LEU B 100 -5.70 6.68 4.96
CA LEU B 100 -6.52 7.89 5.04
C LEU B 100 -6.72 8.53 3.67
N ARG B 101 -5.68 8.52 2.84
CA ARG B 101 -5.85 9.01 1.47
C ARG B 101 -6.96 8.25 0.73
N CYS B 102 -7.06 6.94 0.97
CA CYS B 102 -8.06 6.13 0.30
C CYS B 102 -9.45 6.61 0.69
N LYS B 103 -9.64 6.84 1.99
CA LYS B 103 -10.92 7.31 2.51
C LYS B 103 -11.26 8.68 1.93
N TYR B 104 -10.26 9.54 1.89
CA TYR B 104 -10.36 10.87 1.29
C TYR B 104 -10.79 10.77 -0.15
N ILE B 105 -10.13 9.91 -0.92
CA ILE B 105 -10.47 9.77 -2.31
C ILE B 105 -11.91 9.25 -2.48
N SER B 106 -12.31 8.30 -1.64
CA SER B 106 -13.65 7.75 -1.71
C SER B 106 -14.67 8.87 -1.49
N LEU B 107 -14.41 9.68 -0.49
CA LEU B 107 -15.28 10.81 -0.18
C LEU B 107 -15.39 11.77 -1.38
N ILE B 108 -14.24 12.27 -1.83
CA ILE B 108 -14.20 13.22 -2.93
C ILE B 108 -14.98 12.77 -4.15
N TYR B 109 -14.72 11.54 -4.59
CA TYR B 109 -15.25 11.06 -5.86
C TYR B 109 -16.60 10.32 -5.83
N THR B 110 -16.98 9.75 -4.69
CA THR B 110 -18.18 8.92 -4.60
C THR B 110 -19.23 9.38 -3.60
N ASN B 111 -18.90 10.28 -2.69
CA ASN B 111 -19.87 10.58 -1.65
C ASN B 111 -19.63 11.89 -0.91
N TYR B 112 -19.23 12.91 -1.66
CA TYR B 112 -18.81 14.15 -1.06
C TYR B 112 -19.93 14.84 -0.30
N GLU B 113 -21.07 15.00 -0.94
CA GLU B 113 -22.17 15.77 -0.35
C GLU B 113 -22.73 15.07 0.89
N ALA B 114 -23.12 13.82 0.74
CA ALA B 114 -23.76 13.09 1.83
C ALA B 114 -22.75 12.71 2.90
N GLY B 115 -21.49 12.53 2.50
CA GLY B 115 -20.50 11.93 3.37
C GLY B 115 -19.59 12.88 4.13
N LYS B 116 -19.55 14.15 3.75
CA LYS B 116 -18.56 15.07 4.31
C LYS B 116 -18.70 15.33 5.81
N ASP B 117 -19.93 15.43 6.30
CA ASP B 117 -20.09 15.77 7.71
C ASP B 117 -19.48 14.69 8.61
N ASP B 118 -19.81 13.44 8.31
CA ASP B 118 -19.28 12.33 9.09
C ASP B 118 -17.78 12.22 8.93
N TYR B 119 -17.27 12.47 7.73
CA TYR B 119 -15.83 12.35 7.48
C TYR B 119 -15.08 13.37 8.33
N VAL B 120 -15.57 14.61 8.36
CA VAL B 120 -14.88 15.64 9.08
C VAL B 120 -14.94 15.42 10.59
N LYS B 121 -16.05 14.88 11.09
CA LYS B 121 -16.12 14.62 12.52
C LYS B 121 -15.18 13.48 12.91
N ALA B 122 -14.95 12.55 11.98
CA ALA B 122 -14.07 11.42 12.25
C ALA B 122 -12.60 11.80 12.06
N LEU B 123 -12.35 12.92 11.40
CA LEU B 123 -10.98 13.30 11.02
C LEU B 123 -9.97 13.42 12.20
N PRO B 124 -10.36 14.04 13.31
CA PRO B 124 -9.37 14.17 14.39
C PRO B 124 -8.82 12.81 14.83
N GLY B 125 -9.68 11.82 14.91
CA GLY B 125 -9.25 10.49 15.32
C GLY B 125 -8.35 9.85 14.29
N GLN B 126 -8.45 10.33 13.05
CA GLN B 126 -7.66 9.79 11.95
C GLN B 126 -6.30 10.49 11.87
N LEU B 127 -6.22 11.72 12.38
CA LEU B 127 -4.95 12.45 12.38
C LEU B 127 -4.08 12.21 13.59
N LYS B 128 -4.73 11.92 14.72
CA LYS B 128 -4.03 11.73 15.98
C LYS B 128 -2.85 10.75 15.93
N PRO B 129 -2.97 9.65 15.17
CA PRO B 129 -1.81 8.74 15.21
C PRO B 129 -0.52 9.38 14.71
N PHE B 130 -0.63 10.32 13.77
CA PHE B 130 0.56 10.96 13.23
C PHE B 130 1.14 11.97 14.23
N GLU B 131 0.26 12.63 14.99
CA GLU B 131 0.73 13.48 16.08
C GLU B 131 1.44 12.63 17.13
N THR B 132 0.86 11.46 17.44
CA THR B 132 1.49 10.60 18.41
C THR B 132 2.85 10.13 17.93
N LEU B 133 2.96 9.74 16.67
CA LEU B 133 4.26 9.35 16.13
C LEU B 133 5.30 10.46 16.24
N LEU B 134 4.92 11.67 15.87
CA LEU B 134 5.83 12.79 16.07
C LEU B 134 6.22 12.94 17.53
N SER B 135 5.27 12.78 18.44
CA SER B 135 5.56 13.02 19.85
C SER B 135 6.59 12.04 20.39
N GLN B 136 6.70 10.90 19.73
CA GLN B 136 7.61 9.85 20.14
C GLN B 136 8.95 9.91 19.40
N ASN B 137 9.12 10.87 18.49
CA ASN B 137 10.38 10.97 17.77
C ASN B 137 11.01 12.35 17.93
N GLN B 138 11.99 12.48 18.83
CA GLN B 138 12.71 13.75 19.03
C GLN B 138 11.75 14.90 19.30
N GLY B 139 10.68 14.60 20.03
CA GLY B 139 9.67 15.58 20.39
C GLY B 139 8.99 16.26 19.22
N GLY B 140 8.94 15.58 18.09
CA GLY B 140 8.29 16.11 16.91
C GLY B 140 9.12 17.11 16.16
N LYS B 141 10.40 17.24 16.49
CA LYS B 141 11.19 18.34 15.93
C LYS B 141 11.95 18.05 14.66
N THR B 142 11.92 16.80 14.19
CA THR B 142 12.69 16.45 12.99
C THR B 142 11.71 15.98 11.92
N PHE B 143 11.60 14.67 11.75
CA PHE B 143 10.78 14.09 10.69
C PHE B 143 9.85 13.06 11.28
N ILE B 144 9.01 12.43 10.45
CA ILE B 144 8.05 11.48 10.99
C ILE B 144 8.70 10.19 11.49
N VAL B 145 9.83 9.80 10.86
CA VAL B 145 10.67 8.67 11.30
C VAL B 145 12.14 9.09 11.28
N GLY B 146 12.80 8.93 12.43
CA GLY B 146 14.22 9.17 12.50
C GLY B 146 14.62 10.63 12.37
N ASP B 147 15.85 10.82 11.92
CA ASP B 147 16.51 12.13 11.87
C ASP B 147 16.66 12.71 10.47
N GLN B 148 16.21 11.98 9.44
CA GLN B 148 16.31 12.41 8.07
C GLN B 148 14.96 12.22 7.39
N ILE B 149 14.73 13.05 6.38
CA ILE B 149 13.47 13.04 5.66
C ILE B 149 13.34 11.72 4.90
N SER B 150 12.11 11.25 4.79
CA SER B 150 11.82 10.01 4.03
C SER B 150 10.68 10.28 3.06
N PHE B 151 10.46 9.36 2.15
CA PHE B 151 9.32 9.52 1.24
C PHE B 151 8.01 9.66 1.98
N ALA B 152 7.90 9.03 3.17
CA ALA B 152 6.67 9.10 3.94
C ALA B 152 6.41 10.53 4.45
N ASP B 153 7.46 11.31 4.69
CA ASP B 153 7.24 12.71 5.07
C ASP B 153 6.53 13.49 3.94
N TYR B 154 6.95 13.27 2.69
CA TYR B 154 6.34 13.98 1.58
C TYR B 154 4.88 13.56 1.43
N ASN B 155 4.62 12.27 1.61
CA ASN B 155 3.25 11.80 1.45
C ASN B 155 2.38 12.30 2.61
N LEU B 156 2.88 12.22 3.84
CA LEU B 156 2.11 12.73 4.98
C LEU B 156 1.88 14.25 4.84
N LEU B 157 2.90 14.98 4.41
CA LEU B 157 2.74 16.42 4.21
C LEU B 157 1.63 16.71 3.23
N ASP B 158 1.60 16.00 2.11
CA ASP B 158 0.51 16.23 1.16
C ASP B 158 -0.84 15.91 1.78
N LEU B 159 -0.93 14.79 2.49
CA LEU B 159 -2.16 14.40 3.16
C LEU B 159 -2.66 15.51 4.08
N LEU B 160 -1.74 16.10 4.84
CA LEU B 160 -2.10 17.18 5.76
C LEU B 160 -2.55 18.43 5.00
N LEU B 161 -1.85 18.76 3.94
CA LEU B 161 -2.23 19.96 3.17
C LEU B 161 -3.63 19.84 2.57
N ILE B 162 -3.96 18.70 2.01
CA ILE B 162 -5.29 18.52 1.40
C ILE B 162 -6.37 18.49 2.48
N HIS B 163 -6.05 17.99 3.65
CA HIS B 163 -7.05 17.97 4.72
C HIS B 163 -7.29 19.35 5.32
N GLU B 164 -6.28 20.21 5.31
CA GLU B 164 -6.47 21.60 5.72
C GLU B 164 -7.42 22.34 4.77
N VAL B 165 -7.44 21.95 3.50
CA VAL B 165 -8.37 22.54 2.53
C VAL B 165 -9.79 22.00 2.73
N LEU B 166 -9.90 20.69 2.94
CA LEU B 166 -11.18 20.05 3.20
C LEU B 166 -11.82 20.50 4.53
N ALA B 167 -10.99 20.61 5.56
CA ALA B 167 -11.45 20.89 6.91
C ALA B 167 -10.53 21.92 7.53
N PRO B 168 -10.67 23.19 7.13
CA PRO B 168 -9.77 24.20 7.67
C PRO B 168 -9.78 24.19 9.19
N GLY B 169 -8.61 24.31 9.80
CA GLY B 169 -8.48 24.24 11.25
C GLY B 169 -8.29 22.83 11.80
N CYS B 170 -8.34 21.83 10.92
CA CYS B 170 -8.24 20.43 11.36
C CYS B 170 -6.95 20.10 12.10
N LEU B 171 -5.92 20.92 11.96
CA LEU B 171 -4.63 20.65 12.63
C LEU B 171 -4.46 21.50 13.87
N ASP B 172 -5.41 22.39 14.15
CA ASP B 172 -5.24 23.36 15.21
C ASP B 172 -5.07 22.66 16.55
N ALA B 173 -5.67 21.48 16.70
CA ALA B 173 -5.58 20.74 17.96
C ALA B 173 -4.27 19.94 18.07
N PHE B 174 -3.43 20.00 17.03
CA PHE B 174 -2.29 19.10 16.92
C PHE B 174 -1.01 19.90 16.76
N PRO B 175 -0.36 20.28 17.88
CA PRO B 175 0.71 21.27 17.70
C PRO B 175 1.93 20.75 16.94
N LEU B 176 2.27 19.47 17.12
CA LEU B 176 3.46 18.93 16.45
C LEU B 176 3.19 18.80 14.96
N LEU B 177 2.00 18.34 14.58
CA LEU B 177 1.65 18.24 13.15
C LEU B 177 1.63 19.65 12.52
N SER B 178 1.08 20.61 13.24
CA SER B 178 0.98 21.98 12.70
C SER B 178 2.39 22.51 12.47
N ALA B 179 3.26 22.33 13.45
CA ALA B 179 4.64 22.82 13.34
C ALA B 179 5.39 22.11 12.23
N TYR B 180 5.09 20.83 12.06
CA TYR B 180 5.74 19.99 11.06
C TYR B 180 5.41 20.43 9.64
N VAL B 181 4.15 20.72 9.39
CA VAL B 181 3.71 21.25 8.11
C VAL B 181 4.44 22.56 7.83
N GLY B 182 4.49 23.44 8.83
CA GLY B 182 5.18 24.71 8.67
C GLY B 182 6.65 24.53 8.33
N ARG B 183 7.32 23.63 9.06
CA ARG B 183 8.75 23.44 8.92
C ARG B 183 9.11 22.82 7.57
N LEU B 184 8.41 21.76 7.19
CA LEU B 184 8.72 21.11 5.94
C LEU B 184 8.43 22.04 4.75
N SER B 185 7.33 22.78 4.86
CA SER B 185 6.86 23.67 3.81
C SER B 185 7.80 24.84 3.63
N ALA B 186 8.63 25.12 4.63
CA ALA B 186 9.61 26.18 4.55
C ALA B 186 10.95 25.74 3.99
N ARG B 187 11.15 24.43 3.75
CA ARG B 187 12.44 23.98 3.20
C ARG B 187 12.56 24.67 1.82
N PRO B 188 13.72 25.27 1.53
CA PRO B 188 13.73 26.26 0.44
C PRO B 188 13.21 25.77 -0.92
N LYS B 189 13.68 24.61 -1.38
CA LYS B 189 13.24 24.08 -2.66
C LYS B 189 11.77 23.70 -2.67
N LEU B 190 11.31 23.13 -1.56
CA LEU B 190 9.91 22.77 -1.48
C LEU B 190 9.02 24.00 -1.41
N LYS B 191 9.46 25.01 -0.67
CA LYS B 191 8.73 26.25 -0.53
C LYS B 191 8.54 26.90 -1.92
N ALA B 192 9.62 26.91 -2.70
CA ALA B 192 9.57 27.48 -4.06
C ALA B 192 8.60 26.68 -4.93
N PHE B 193 8.67 25.35 -4.86
CA PHE B 193 7.73 24.53 -5.59
C PHE B 193 6.28 24.77 -5.19
N LEU B 194 6.00 24.82 -3.88
CA LEU B 194 4.65 24.97 -3.40
C LEU B 194 4.05 26.34 -3.77
N ALA B 195 4.93 27.31 -3.97
CA ALA B 195 4.51 28.66 -4.38
C ALA B 195 4.30 28.77 -5.89
N SER B 196 4.83 27.82 -6.65
CA SER B 196 4.88 27.94 -8.12
C SER B 196 3.55 27.62 -8.80
N PRO B 197 3.31 28.19 -10.00
CA PRO B 197 1.99 27.90 -10.61
C PRO B 197 1.77 26.45 -10.97
N GLU B 198 2.88 25.77 -11.20
CA GLU B 198 2.91 24.35 -11.47
C GLU B 198 2.15 23.54 -10.41
N TYR B 199 2.28 23.97 -9.16
CA TYR B 199 1.51 23.42 -8.05
C TYR B 199 0.21 24.19 -7.81
N VAL B 200 0.31 25.50 -7.61
CA VAL B 200 -0.86 26.26 -7.22
C VAL B 200 -2.00 26.20 -8.24
N ASN B 201 -1.69 26.20 -9.54
CA ASN B 201 -2.72 26.26 -10.55
C ASN B 201 -3.28 24.92 -11.05
N LEU B 202 -2.93 23.82 -10.37
CA LEU B 202 -3.54 22.54 -10.61
C LEU B 202 -4.58 22.30 -9.53
N PRO B 203 -5.75 21.73 -9.89
CA PRO B 203 -6.69 21.43 -8.83
C PRO B 203 -6.19 20.20 -8.08
N ILE B 204 -6.71 20.00 -6.89
CA ILE B 204 -6.27 18.87 -6.08
C ILE B 204 -6.77 17.57 -6.68
N ASN B 205 -8.05 17.56 -7.06
CA ASN B 205 -8.70 16.36 -7.55
C ASN B 205 -9.26 16.62 -8.94
N GLY B 206 -9.80 15.58 -9.55
CA GLY B 206 -10.25 15.67 -10.92
C GLY B 206 -11.66 16.15 -11.14
N ASN B 207 -12.44 16.27 -10.06
CA ASN B 207 -13.87 16.51 -10.17
C ASN B 207 -14.30 17.86 -9.59
N GLY B 208 -13.34 18.72 -9.33
CA GLY B 208 -13.59 20.07 -8.84
C GLY B 208 -13.96 20.16 -7.38
N LYS B 209 -13.86 19.04 -6.67
CA LYS B 209 -14.19 19.02 -5.25
C LYS B 209 -12.89 18.93 -4.45
N GLN B 210 -12.89 19.54 -3.27
CA GLN B 210 -11.74 19.58 -2.38
C GLN B 210 -12.20 19.93 -0.98
#